data_8PAM
#
_entry.id   8PAM
#
_cell.length_a   39.477
_cell.length_b   67.903
_cell.length_c   40.284
_cell.angle_alpha   90.000
_cell.angle_beta   93.580
_cell.angle_gamma   90.000
#
_symmetry.space_group_name_H-M   'P 1 21 1'
#
loop_
_entity.id
_entity.type
_entity.pdbx_description
1 polymer 'Beta-lactamase VIM-1'
2 non-polymer 'ZINC ION'
3 non-polymer '7-[(1~{R})-1-[[4-(aminomethyl)phenyl]methoxy]ethyl]-3-[3-chloranyl-4-(methylsulfonylmethyl)phenyl]-1~{H}-indole-2-carboxylic acid'
4 water water
#
_entity_poly.entity_id   1
_entity_poly.type   'polypeptide(L)'
_entity_poly.pdbx_seq_one_letter_code
;MLKVISSLLVYMTASVMAVASPLAHSGEPSGEYPTVNEIPVGEVRLYQIADGVWSHIATQSFDGAVYPSNGLIVRDGDEL
LLIDTAWGAKNTAALLAEIEKQIGLPVTRAVSTHFHDDRVGGVDVLRAAGVATYASPSTRRLAEAEGNEIPTHSLEGLSS
SGDAVRFGPVELFYPGAAHSTDNLVVYVPSANVLYGGCAVHELSSTSAGNVADADLAEWPTSVERIQKHYPEAEVVIPGH
GLPGGLDLLQHTANVVKAHKNRSVAE
;
_entity_poly.pdbx_strand_id   A
#
loop_
_chem_comp.id
_chem_comp.type
_chem_comp.name
_chem_comp.formula
XZR non-polymer '7-[(1~{R})-1-[[4-(aminomethyl)phenyl]methoxy]ethyl]-3-[3-chloranyl-4-(methylsulfonylmethyl)phenyl]-1~{H}-indole-2-carboxylic acid' 'C27 H27 Cl N2 O5 S'
ZN non-polymer 'ZINC ION' 'Zn 2'
#
# COMPACT_ATOMS: atom_id res chain seq x y z
N SER A 30 7.62 -20.88 1.68
CA SER A 30 7.54 -21.93 0.68
C SER A 30 6.24 -21.92 -0.12
N GLY A 31 5.72 -20.75 -0.40
CA GLY A 31 4.59 -20.60 -1.29
C GLY A 31 3.35 -19.94 -0.70
N GLU A 32 3.14 -20.06 0.60
CA GLU A 32 1.98 -19.37 1.15
C GLU A 32 2.32 -17.89 1.36
N TYR A 33 1.31 -17.07 1.57
CA TYR A 33 1.61 -15.63 1.73
C TYR A 33 2.39 -15.42 3.02
N PRO A 34 3.48 -14.63 3.02
CA PRO A 34 4.34 -14.59 4.21
C PRO A 34 3.72 -13.74 5.29
N THR A 35 4.13 -14.09 6.50
CA THR A 35 3.74 -13.44 7.73
C THR A 35 5.04 -13.09 8.50
N VAL A 36 4.93 -12.34 9.58
N VAL A 36 4.95 -12.33 9.57
CA VAL A 36 6.09 -12.00 10.43
CA VAL A 36 6.18 -12.03 10.30
C VAL A 36 6.85 -13.20 10.96
C VAL A 36 7.04 -13.25 10.61
N ASN A 37 6.20 -14.34 11.03
N ASN A 37 6.41 -14.41 10.74
CA ASN A 37 6.91 -15.50 11.55
CA ASN A 37 7.13 -15.54 11.29
C ASN A 37 7.90 -15.99 10.52
C ASN A 37 8.03 -16.13 10.22
N GLU A 38 7.68 -15.60 9.29
N GLU A 38 7.85 -15.72 8.97
CA GLU A 38 8.65 -15.76 8.26
CA GLU A 38 8.63 -16.27 7.87
C GLU A 38 9.41 -14.49 8.04
C GLU A 38 9.59 -15.29 7.23
N ILE A 39 9.07 -13.40 8.74
N ILE A 39 9.62 -14.05 7.70
CA ILE A 39 9.72 -12.14 8.37
CA ILE A 39 10.49 -13.02 7.14
C ILE A 39 10.30 -11.41 9.56
C ILE A 39 11.67 -12.88 8.11
N PRO A 40 11.59 -11.61 9.82
N PRO A 40 12.89 -13.29 7.74
CA PRO A 40 12.30 -10.79 10.78
CA PRO A 40 14.02 -13.11 8.66
C PRO A 40 12.25 -9.35 10.33
C PRO A 40 14.21 -11.65 9.05
N VAL A 41 12.22 -8.46 11.30
N VAL A 41 14.86 -11.44 10.19
CA VAL A 41 12.30 -7.06 10.94
CA VAL A 41 14.95 -10.08 10.73
C VAL A 41 13.64 -6.81 10.24
C VAL A 41 15.58 -9.12 9.72
N GLY A 42 13.57 -6.15 9.08
N GLY A 42 14.94 -7.99 9.51
CA GLY A 42 14.73 -5.90 8.23
CA GLY A 42 15.40 -6.90 8.63
C GLY A 42 14.83 -6.73 6.96
C GLY A 42 15.16 -7.18 7.17
N GLU A 43 14.08 -7.82 6.87
N GLU A 43 14.24 -8.07 6.85
CA GLU A 43 14.08 -8.65 5.68
CA GLU A 43 14.21 -8.71 5.54
C GLU A 43 12.83 -8.34 4.89
C GLU A 43 12.89 -8.37 4.86
N VAL A 44 12.87 -8.60 3.56
CA VAL A 44 11.70 -8.37 2.73
C VAL A 44 11.44 -9.60 1.89
N ARG A 45 10.17 -9.94 1.75
CA ARG A 45 9.78 -11.00 0.85
C ARG A 45 8.90 -10.45 -0.25
N LEU A 46 8.96 -11.08 -1.42
CA LEU A 46 8.06 -10.77 -2.52
C LEU A 46 7.11 -11.95 -2.73
N TYR A 47 5.94 -11.66 -3.26
CA TYR A 47 4.94 -12.67 -3.53
C TYR A 47 4.35 -12.38 -4.89
N GLN A 48 4.39 -13.35 -5.79
CA GLN A 48 3.83 -13.14 -7.11
C GLN A 48 2.31 -13.18 -7.04
N ILE A 49 1.66 -12.10 -7.46
CA ILE A 49 0.22 -11.97 -7.45
C ILE A 49 -0.37 -12.36 -8.77
N ALA A 50 0.24 -11.93 -9.87
CA ALA A 50 -0.26 -12.15 -11.22
C ALA A 50 0.94 -11.92 -12.13
N ASP A 51 0.77 -12.15 -13.43
CA ASP A 51 1.86 -11.85 -14.35
CA ASP A 51 1.87 -11.86 -14.35
C ASP A 51 2.24 -10.37 -14.25
N GLY A 52 3.50 -10.10 -13.96
CA GLY A 52 3.96 -8.72 -13.82
C GLY A 52 3.47 -7.96 -12.60
N VAL A 53 2.94 -8.64 -11.59
CA VAL A 53 2.47 -8.02 -10.37
C VAL A 53 2.95 -8.82 -9.19
N TRP A 54 3.64 -8.16 -8.27
CA TRP A 54 4.10 -8.76 -7.01
C TRP A 54 3.60 -7.88 -5.87
N SER A 55 3.39 -8.48 -4.71
CA SER A 55 3.42 -7.70 -3.47
C SER A 55 4.76 -7.83 -2.81
N HIS A 56 5.11 -6.83 -1.99
CA HIS A 56 6.25 -6.90 -1.11
C HIS A 56 5.74 -6.84 0.32
N ILE A 57 6.42 -7.61 1.19
CA ILE A 57 6.01 -7.79 2.58
C ILE A 57 7.24 -7.57 3.45
N ALA A 58 7.08 -6.74 4.47
CA ALA A 58 8.14 -6.47 5.42
C ALA A 58 7.52 -6.35 6.80
N THR A 59 8.35 -6.30 7.83
CA THR A 59 7.84 -6.17 9.18
C THR A 59 8.56 -5.00 9.87
N GLN A 60 7.88 -4.40 10.80
CA GLN A 60 8.46 -3.27 11.51
C GLN A 60 7.88 -3.23 12.92
N SER A 61 8.67 -2.67 13.83
N SER A 61 8.65 -2.63 13.82
CA SER A 61 8.27 -2.42 15.21
CA SER A 61 8.19 -2.44 15.18
C SER A 61 7.72 -1.00 15.31
C SER A 61 7.73 -1.00 15.34
N PHE A 62 6.63 -0.84 16.05
CA PHE A 62 6.02 0.47 16.27
C PHE A 62 5.33 0.43 17.62
N ASP A 63 5.72 1.35 18.52
CA ASP A 63 5.14 1.40 19.86
C ASP A 63 5.21 0.04 20.56
N GLY A 64 6.30 -0.68 20.33
CA GLY A 64 6.51 -1.91 21.07
C GLY A 64 5.77 -3.14 20.59
N ALA A 65 5.23 -3.09 19.37
CA ALA A 65 4.65 -4.29 18.77
C ALA A 65 5.18 -4.39 17.35
N VAL A 66 5.13 -5.61 16.81
CA VAL A 66 5.64 -5.88 15.46
C VAL A 66 4.46 -6.11 14.54
N TYR A 67 4.52 -5.52 13.37
CA TYR A 67 3.47 -5.57 12.38
C TYR A 67 4.05 -5.91 11.02
N PRO A 68 3.31 -6.68 10.20
CA PRO A 68 3.62 -6.78 8.77
C PRO A 68 3.01 -5.60 8.02
N SER A 69 3.54 -5.34 6.82
N SER A 69 3.50 -5.40 6.78
CA SER A 69 2.88 -4.43 5.89
CA SER A 69 2.90 -4.40 5.91
C SER A 69 3.21 -4.80 4.47
C SER A 69 3.21 -4.79 4.48
N ASN A 70 2.27 -4.47 3.58
CA ASN A 70 2.38 -4.77 2.15
C ASN A 70 2.67 -3.52 1.33
N GLY A 71 3.27 -3.78 0.19
CA GLY A 71 3.29 -2.84 -0.94
C GLY A 71 3.14 -3.61 -2.24
N LEU A 72 3.29 -2.92 -3.37
CA LEU A 72 3.09 -3.51 -4.67
C LEU A 72 4.28 -3.21 -5.57
N ILE A 73 4.52 -4.11 -6.53
CA ILE A 73 5.49 -3.93 -7.59
C ILE A 73 4.77 -4.28 -8.89
N VAL A 74 4.86 -3.42 -9.89
CA VAL A 74 4.19 -3.66 -11.16
C VAL A 74 5.17 -3.48 -12.29
N ARG A 75 5.31 -4.53 -13.13
N ARG A 75 5.32 -4.52 -13.12
CA ARG A 75 6.17 -4.44 -14.30
CA ARG A 75 6.21 -4.41 -14.25
C ARG A 75 5.68 -3.40 -15.29
C ARG A 75 5.70 -3.38 -15.25
N ASP A 76 6.62 -2.56 -15.75
CA ASP A 76 6.35 -1.36 -16.55
C ASP A 76 7.36 -1.47 -17.73
N GLY A 77 7.10 -2.40 -18.65
CA GLY A 77 8.01 -2.71 -19.74
C GLY A 77 9.27 -3.39 -19.22
N ASP A 78 10.42 -2.75 -19.39
CA ASP A 78 11.66 -3.23 -18.79
C ASP A 78 12.04 -2.45 -17.53
N GLU A 79 11.08 -1.76 -16.92
CA GLU A 79 11.27 -1.10 -15.65
C GLU A 79 10.18 -1.57 -14.69
N LEU A 80 10.29 -1.14 -13.43
CA LEU A 80 9.29 -1.45 -12.40
C LEU A 80 8.75 -0.18 -11.77
N LEU A 81 7.45 -0.20 -11.53
CA LEU A 81 6.77 0.80 -10.71
C LEU A 81 6.57 0.20 -9.31
N LEU A 82 6.98 0.92 -8.29
CA LEU A 82 6.81 0.52 -6.90
C LEU A 82 5.66 1.29 -6.28
N ILE A 83 4.81 0.59 -5.55
CA ILE A 83 3.79 1.21 -4.73
C ILE A 83 4.13 0.97 -3.27
N ASP A 84 4.43 2.07 -2.55
CA ASP A 84 4.72 2.13 -1.13
C ASP A 84 6.10 1.59 -0.79
N THR A 85 6.69 2.21 0.22
CA THR A 85 7.93 1.73 0.78
C THR A 85 7.69 0.49 1.62
N ALA A 86 8.78 -0.07 2.15
CA ALA A 86 8.72 -1.25 3.02
C ALA A 86 8.74 -0.88 4.49
N TRP A 87 8.32 0.35 4.83
CA TRP A 87 8.19 0.78 6.24
C TRP A 87 9.54 0.90 6.91
N GLY A 88 10.32 1.87 6.48
CA GLY A 88 11.60 2.19 7.06
C GLY A 88 12.72 2.18 6.06
N ALA A 89 13.77 2.92 6.40
CA ALA A 89 14.93 3.05 5.54
C ALA A 89 15.63 1.71 5.31
N LYS A 90 15.98 1.01 6.38
N LYS A 90 15.97 0.99 6.38
CA LYS A 90 16.66 -0.27 6.23
CA LYS A 90 16.67 -0.28 6.18
C LYS A 90 15.79 -1.30 5.49
C LYS A 90 15.78 -1.30 5.48
N ASN A 91 14.51 -1.35 5.84
CA ASN A 91 13.61 -2.26 5.13
C ASN A 91 13.54 -1.94 3.64
N THR A 92 13.51 -0.64 3.31
CA THR A 92 13.38 -0.25 1.91
C THR A 92 14.66 -0.54 1.14
N ALA A 93 15.83 -0.38 1.78
CA ALA A 93 17.06 -0.83 1.12
C ALA A 93 17.00 -2.33 0.86
N ALA A 94 16.51 -3.09 1.83
CA ALA A 94 16.38 -4.53 1.68
C ALA A 94 15.39 -4.87 0.58
N LEU A 95 14.33 -4.07 0.44
CA LEU A 95 13.37 -4.25 -0.64
C LEU A 95 14.06 -4.13 -1.99
N LEU A 96 14.83 -3.06 -2.18
CA LEU A 96 15.52 -2.87 -3.45
C LEU A 96 16.44 -4.06 -3.75
N ALA A 97 17.15 -4.56 -2.72
CA ALA A 97 18.03 -5.71 -2.94
C ALA A 97 17.23 -6.96 -3.30
N GLU A 98 16.09 -7.18 -2.66
CA GLU A 98 15.27 -8.33 -2.95
C GLU A 98 14.71 -8.25 -4.37
N ILE A 99 14.30 -7.06 -4.81
CA ILE A 99 13.83 -6.88 -6.18
C ILE A 99 14.96 -7.20 -7.17
N GLU A 100 16.18 -6.76 -6.90
CA GLU A 100 17.27 -7.06 -7.81
C GLU A 100 17.51 -8.55 -7.90
N LYS A 101 17.43 -9.24 -6.77
CA LYS A 101 17.67 -10.67 -6.72
C LYS A 101 16.58 -11.45 -7.46
N GLN A 102 15.30 -11.12 -7.24
CA GLN A 102 14.15 -11.88 -7.71
C GLN A 102 13.64 -11.48 -9.05
N ILE A 103 13.81 -10.24 -9.44
CA ILE A 103 13.22 -9.69 -10.66
C ILE A 103 14.28 -9.14 -11.59
N GLY A 104 15.19 -8.32 -11.07
CA GLY A 104 16.33 -7.88 -11.86
C GLY A 104 16.06 -6.75 -12.83
N LEU A 105 14.97 -6.02 -12.67
CA LEU A 105 14.64 -4.87 -13.47
C LEU A 105 14.69 -3.66 -12.56
N PRO A 106 15.05 -2.49 -13.09
CA PRO A 106 15.21 -1.33 -12.23
C PRO A 106 13.87 -0.73 -11.82
N VAL A 107 13.80 -0.32 -10.55
CA VAL A 107 12.68 0.47 -10.05
C VAL A 107 12.93 1.90 -10.45
N THR A 108 12.03 2.48 -11.26
CA THR A 108 12.25 3.84 -11.73
C THR A 108 11.34 4.85 -11.10
N ARG A 109 10.18 4.43 -10.61
CA ARG A 109 9.20 5.34 -10.03
C ARG A 109 8.58 4.64 -8.84
N ALA A 110 8.13 5.44 -7.88
CA ALA A 110 7.38 4.95 -6.73
C ALA A 110 6.26 5.90 -6.42
N VAL A 111 5.14 5.35 -5.99
CA VAL A 111 3.99 6.09 -5.52
C VAL A 111 3.74 5.68 -4.07
N SER A 112 3.56 6.65 -3.19
CA SER A 112 3.15 6.40 -1.82
C SER A 112 1.67 6.73 -1.68
N THR A 113 0.93 5.78 -1.10
CA THR A 113 -0.53 5.85 -1.11
C THR A 113 -1.15 6.57 0.09
N HIS A 114 -0.37 6.91 1.12
CA HIS A 114 -0.73 7.92 2.12
C HIS A 114 0.53 8.31 2.87
N PHE A 115 0.38 9.15 3.88
CA PHE A 115 1.51 9.85 4.47
C PHE A 115 2.19 9.11 5.62
N HIS A 116 1.67 7.97 6.07
CA HIS A 116 2.22 7.27 7.22
C HIS A 116 3.57 6.60 6.84
N ASP A 117 4.34 6.26 7.88
N ASP A 117 4.33 6.25 7.89
CA ASP A 117 5.70 5.72 7.69
CA ASP A 117 5.67 5.71 7.72
C ASP A 117 5.72 4.38 6.98
C ASP A 117 5.70 4.39 6.96
N ASP A 118 4.63 3.60 7.04
CA ASP A 118 4.57 2.36 6.28
C ASP A 118 4.38 2.58 4.77
N ARG A 119 4.26 3.83 4.36
CA ARG A 119 4.06 4.19 2.98
C ARG A 119 5.17 5.09 2.44
N VAL A 120 5.68 6.00 3.28
CA VAL A 120 6.73 6.95 2.88
C VAL A 120 8.04 6.71 3.60
N GLY A 121 8.11 5.89 4.66
CA GLY A 121 9.37 5.70 5.36
C GLY A 121 10.26 4.84 4.49
N GLY A 122 11.34 5.41 3.99
CA GLY A 122 12.13 4.80 2.97
C GLY A 122 12.18 5.61 1.67
N VAL A 123 11.39 6.67 1.54
CA VAL A 123 11.42 7.52 0.35
C VAL A 123 12.80 8.14 0.19
N ASP A 124 13.50 8.50 1.28
CA ASP A 124 14.84 9.05 1.12
C ASP A 124 15.80 8.01 0.52
N VAL A 125 15.73 6.75 0.98
CA VAL A 125 16.48 5.66 0.38
C VAL A 125 16.16 5.55 -1.12
N LEU A 126 14.87 5.55 -1.48
CA LEU A 126 14.50 5.41 -2.89
C LEU A 126 15.09 6.55 -3.70
N ARG A 127 14.95 7.76 -3.20
CA ARG A 127 15.41 8.93 -3.93
C ARG A 127 16.92 8.88 -4.16
N ALA A 128 17.70 8.38 -3.19
CA ALA A 128 19.15 8.17 -3.35
C ALA A 128 19.51 6.95 -4.21
N ALA A 129 18.57 6.11 -4.56
CA ALA A 129 18.79 4.97 -5.42
C ALA A 129 18.22 5.19 -6.83
N GLY A 130 17.95 6.44 -7.20
CA GLY A 130 17.54 6.82 -8.54
C GLY A 130 16.06 6.72 -8.81
N VAL A 131 15.26 6.47 -7.80
CA VAL A 131 13.84 6.28 -7.97
C VAL A 131 13.17 7.63 -7.85
N ALA A 132 12.32 7.97 -8.82
CA ALA A 132 11.51 9.18 -8.73
C ALA A 132 10.28 8.87 -7.87
N THR A 133 10.06 9.65 -6.82
CA THR A 133 9.02 9.39 -5.82
C THR A 133 7.87 10.37 -5.99
N TYR A 134 6.66 9.84 -5.88
CA TYR A 134 5.44 10.57 -6.15
C TYR A 134 4.42 10.34 -5.03
N ALA A 135 3.56 11.34 -4.80
CA ALA A 135 2.40 11.20 -3.93
C ALA A 135 1.47 12.36 -4.25
N SER A 136 0.23 12.28 -3.79
CA SER A 136 -0.67 13.40 -3.97
C SER A 136 -0.16 14.62 -3.21
N PRO A 137 -0.63 15.82 -3.57
CA PRO A 137 -0.27 16.98 -2.76
C PRO A 137 -0.76 16.86 -1.34
N SER A 138 -1.90 16.18 -1.13
N SER A 138 -1.95 16.27 -1.14
CA SER A 138 -2.41 16.04 0.21
CA SER A 138 -2.42 16.02 0.23
C SER A 138 -1.47 15.17 1.04
C SER A 138 -1.43 15.18 1.03
N THR A 139 -1.00 14.07 0.46
CA THR A 139 -0.05 13.22 1.17
C THR A 139 1.24 13.98 1.43
N ARG A 140 1.75 14.73 0.45
CA ARG A 140 2.99 15.46 0.66
C ARG A 140 2.86 16.46 1.80
N ARG A 141 1.75 17.21 1.86
CA ARG A 141 1.53 18.18 2.93
C ARG A 141 1.48 17.48 4.28
N LEU A 142 0.76 16.37 4.36
CA LEU A 142 0.60 15.68 5.64
C LEU A 142 1.93 15.09 6.10
N ALA A 143 2.69 14.49 5.17
CA ALA A 143 4.00 13.95 5.51
C ALA A 143 4.90 15.06 6.04
N GLU A 144 4.93 16.20 5.34
CA GLU A 144 5.77 17.32 5.78
C GLU A 144 5.37 17.79 7.18
N ALA A 145 4.07 17.94 7.41
CA ALA A 145 3.64 18.46 8.69
C ALA A 145 3.97 17.52 9.82
N GLU A 146 3.91 16.22 9.58
N GLU A 146 3.92 16.22 9.58
CA GLU A 146 4.14 15.18 10.58
CA GLU A 146 4.15 15.22 10.61
C GLU A 146 5.61 14.84 10.78
C GLU A 146 5.62 14.86 10.79
N GLY A 147 6.51 15.33 9.93
CA GLY A 147 7.92 14.96 10.03
C GLY A 147 8.27 13.65 9.38
N ASN A 148 7.45 13.19 8.45
CA ASN A 148 7.76 11.97 7.72
C ASN A 148 8.48 12.30 6.44
N GLU A 149 9.05 11.29 5.80
CA GLU A 149 9.75 11.53 4.54
C GLU A 149 8.77 11.95 3.45
N ILE A 150 9.26 12.78 2.53
CA ILE A 150 8.37 13.50 1.63
C ILE A 150 8.67 13.09 0.19
N PRO A 151 7.75 12.44 -0.52
CA PRO A 151 7.95 12.17 -1.96
C PRO A 151 8.21 13.47 -2.71
N THR A 152 8.97 13.36 -3.80
CA THR A 152 9.41 14.54 -4.54
C THR A 152 8.30 15.16 -5.37
N HIS A 153 7.51 14.38 -6.08
CA HIS A 153 6.63 14.86 -7.13
C HIS A 153 5.17 14.74 -6.73
N SER A 154 4.39 15.74 -7.04
CA SER A 154 2.97 15.80 -6.72
C SER A 154 2.13 15.18 -7.83
N LEU A 155 1.16 14.38 -7.42
CA LEU A 155 0.18 13.75 -8.31
C LEU A 155 -1.11 14.56 -8.28
N GLU A 156 -1.31 15.38 -9.30
CA GLU A 156 -2.52 16.17 -9.46
C GLU A 156 -3.65 15.28 -9.99
N GLY A 157 -4.85 15.84 -9.99
CA GLY A 157 -5.97 15.12 -10.54
C GLY A 157 -6.61 14.11 -9.66
N LEU A 158 -6.31 14.14 -8.34
CA LEU A 158 -6.78 13.16 -7.38
C LEU A 158 -7.44 13.80 -6.17
N SER A 159 -7.78 15.08 -6.24
CA SER A 159 -8.21 15.76 -5.02
C SER A 159 -9.66 15.58 -4.69
N SER A 160 -10.50 15.07 -5.59
N SER A 160 -10.50 15.10 -5.60
CA SER A 160 -11.91 14.88 -5.30
CA SER A 160 -11.92 14.90 -5.39
C SER A 160 -12.23 13.39 -5.27
C SER A 160 -12.24 13.41 -5.33
N SER A 161 -13.05 12.96 -4.32
N SER A 161 -13.09 13.01 -4.39
CA SER A 161 -13.38 11.54 -4.27
CA SER A 161 -13.48 11.61 -4.27
C SER A 161 -14.00 11.08 -5.59
C SER A 161 -14.01 11.11 -5.62
N GLY A 162 -13.57 9.91 -6.02
CA GLY A 162 -13.95 9.35 -7.31
C GLY A 162 -12.97 9.66 -8.42
N ASP A 163 -11.98 10.53 -8.19
CA ASP A 163 -10.99 10.87 -9.18
C ASP A 163 -10.08 9.69 -9.46
N ALA A 164 -9.66 9.59 -10.71
CA ALA A 164 -8.75 8.57 -11.16
C ALA A 164 -7.79 9.15 -12.18
N VAL A 165 -6.56 8.68 -12.15
CA VAL A 165 -5.53 9.07 -13.12
C VAL A 165 -4.71 7.83 -13.49
N ARG A 166 -4.15 7.82 -14.68
CA ARG A 166 -3.22 6.77 -15.05
C ARG A 166 -1.79 7.12 -14.65
N PHE A 167 -1.04 6.09 -14.28
CA PHE A 167 0.35 6.24 -13.87
C PHE A 167 1.06 4.96 -14.32
N GLY A 168 1.71 5.00 -15.47
CA GLY A 168 2.28 3.80 -16.03
C GLY A 168 1.23 2.71 -16.17
N PRO A 169 1.54 1.50 -15.69
CA PRO A 169 0.64 0.35 -15.84
C PRO A 169 -0.46 0.28 -14.81
N VAL A 170 -0.68 1.32 -14.01
CA VAL A 170 -1.75 1.31 -13.03
C VAL A 170 -2.68 2.48 -13.23
N GLU A 171 -3.83 2.40 -12.56
CA GLU A 171 -4.72 3.53 -12.31
C GLU A 171 -4.68 3.83 -10.83
N LEU A 172 -4.53 5.10 -10.49
CA LEU A 172 -4.62 5.59 -9.12
C LEU A 172 -6.01 6.15 -8.93
N PHE A 173 -6.62 5.88 -7.77
CA PHE A 173 -8.00 6.25 -7.49
C PHE A 173 -8.08 6.82 -6.08
N TYR A 174 -8.73 7.96 -5.93
CA TYR A 174 -8.94 8.54 -4.61
C TYR A 174 -10.38 8.24 -4.20
N PRO A 175 -10.60 7.35 -3.22
CA PRO A 175 -11.97 6.94 -2.90
C PRO A 175 -12.67 7.87 -1.94
N GLY A 176 -11.98 8.82 -1.35
CA GLY A 176 -12.46 9.56 -0.19
C GLY A 176 -11.73 9.16 1.08
N ALA A 177 -12.01 9.92 2.14
CA ALA A 177 -11.34 9.65 3.42
C ALA A 177 -11.75 8.28 3.96
N ALA A 178 -10.80 7.61 4.58
CA ALA A 178 -11.04 6.25 5.10
C ALA A 178 -10.06 6.04 6.26
N HIS A 179 -9.05 5.22 6.03
CA HIS A 179 -7.97 5.07 6.98
C HIS A 179 -7.24 6.38 7.23
N SER A 180 -7.13 7.21 6.20
CA SER A 180 -6.57 8.54 6.31
C SER A 180 -7.33 9.40 5.31
N THR A 181 -7.15 10.73 5.39
N THR A 181 -7.17 10.72 5.41
CA THR A 181 -7.88 11.57 4.47
CA THR A 181 -7.87 11.61 4.50
C THR A 181 -7.31 11.52 3.06
C THR A 181 -7.29 11.58 3.08
N ASP A 182 -6.06 11.12 2.94
CA ASP A 182 -5.32 11.16 1.68
C ASP A 182 -5.20 9.81 1.01
N ASN A 183 -5.73 8.75 1.57
CA ASN A 183 -5.43 7.40 1.08
C ASN A 183 -5.87 7.21 -0.36
N LEU A 184 -4.94 6.64 -1.15
CA LEU A 184 -5.19 6.27 -2.53
C LEU A 184 -5.27 4.76 -2.67
N VAL A 185 -5.94 4.33 -3.73
N VAL A 185 -6.02 4.30 -3.64
CA VAL A 185 -6.09 2.93 -4.12
CA VAL A 185 -5.96 2.90 -4.02
C VAL A 185 -5.45 2.79 -5.48
C VAL A 185 -5.43 2.79 -5.45
N VAL A 186 -4.94 1.60 -5.78
CA VAL A 186 -4.25 1.36 -7.04
C VAL A 186 -4.85 0.15 -7.72
N TYR A 187 -5.16 0.26 -9.00
CA TYR A 187 -5.71 -0.85 -9.78
C TYR A 187 -4.74 -1.17 -10.90
N VAL A 188 -4.50 -2.46 -11.12
CA VAL A 188 -3.67 -2.94 -12.23
C VAL A 188 -4.63 -3.52 -13.27
N PRO A 189 -4.98 -2.76 -14.32
CA PRO A 189 -6.04 -3.26 -15.23
C PRO A 189 -5.67 -4.53 -15.95
N SER A 190 -4.39 -4.76 -16.25
CA SER A 190 -4.00 -5.94 -17.04
C SER A 190 -4.28 -7.22 -16.28
N ALA A 191 -4.37 -7.13 -14.95
CA ALA A 191 -4.49 -8.29 -14.10
C ALA A 191 -5.69 -8.26 -13.19
N ASN A 192 -6.49 -7.20 -13.24
CA ASN A 192 -7.62 -7.01 -12.35
C ASN A 192 -7.20 -7.15 -10.88
N VAL A 193 -6.07 -6.54 -10.55
CA VAL A 193 -5.57 -6.52 -9.18
C VAL A 193 -5.89 -5.18 -8.55
N LEU A 194 -6.58 -5.21 -7.43
CA LEU A 194 -6.91 -4.02 -6.66
C LEU A 194 -6.05 -3.99 -5.42
N TYR A 195 -5.17 -3.01 -5.33
CA TYR A 195 -4.34 -2.76 -4.16
C TYR A 195 -5.04 -1.70 -3.35
N GLY A 196 -5.67 -2.11 -2.26
CA GLY A 196 -6.46 -1.18 -1.44
C GLY A 196 -5.64 -0.32 -0.52
N GLY A 197 -4.40 -0.71 -0.25
CA GLY A 197 -3.65 -0.01 0.80
C GLY A 197 -4.40 -0.08 2.11
N CYS A 198 -4.12 0.86 2.99
CA CYS A 198 -4.57 0.74 4.36
C CYS A 198 -6.06 1.08 4.53
N ALA A 199 -6.72 1.55 3.47
CA ALA A 199 -8.17 1.67 3.45
C ALA A 199 -8.88 0.32 3.40
N VAL A 200 -8.14 -0.75 3.13
CA VAL A 200 -8.72 -2.10 3.04
C VAL A 200 -8.01 -3.01 4.03
N HIS A 201 -8.79 -3.75 4.79
CA HIS A 201 -8.30 -4.72 5.76
C HIS A 201 -8.44 -6.14 5.28
N GLU A 202 -7.57 -6.99 5.83
CA GLU A 202 -7.62 -8.41 5.55
C GLU A 202 -8.85 -9.08 6.21
N LEU A 203 -9.22 -10.24 5.69
CA LEU A 203 -10.42 -10.93 6.20
C LEU A 203 -10.32 -11.35 7.66
N SER A 204 -9.14 -11.65 8.17
CA SER A 204 -9.03 -12.01 9.60
C SER A 204 -9.11 -10.82 10.56
N SER A 205 -9.09 -9.60 10.07
N SER A 205 -9.12 -9.59 10.04
CA SER A 205 -9.07 -8.45 10.96
CA SER A 205 -9.15 -8.39 10.88
C SER A 205 -10.34 -8.38 11.79
C SER A 205 -10.36 -8.41 11.80
N THR A 206 -10.16 -7.95 13.04
CA THR A 206 -11.22 -7.81 14.02
C THR A 206 -11.45 -6.37 14.43
N SER A 207 -10.61 -5.46 14.01
CA SER A 207 -10.87 -4.08 14.28
C SER A 207 -10.29 -3.38 13.08
N ALA A 208 -10.43 -2.07 13.07
CA ALA A 208 -10.04 -1.30 11.90
C ALA A 208 -8.57 -0.85 11.97
N GLY A 209 -7.68 -1.61 12.63
CA GLY A 209 -6.26 -1.22 12.61
C GLY A 209 -5.95 0.03 13.39
N ASN A 210 -4.96 0.76 12.93
CA ASN A 210 -4.59 2.02 13.57
C ASN A 210 -5.42 3.14 12.97
N VAL A 211 -6.37 3.65 13.74
CA VAL A 211 -7.37 4.57 13.27
C VAL A 211 -7.06 6.00 13.66
N ALA A 212 -5.83 6.29 14.11
CA ALA A 212 -5.56 7.61 14.66
C ALA A 212 -5.94 8.72 13.70
N ASP A 213 -5.69 8.53 12.40
CA ASP A 213 -5.91 9.55 11.39
C ASP A 213 -7.10 9.26 10.49
N ALA A 214 -7.95 8.33 10.91
CA ALA A 214 -9.05 7.85 10.10
C ALA A 214 -10.29 8.73 10.19
N ASP A 215 -11.21 8.48 9.28
CA ASP A 215 -12.56 9.05 9.31
C ASP A 215 -13.50 7.84 9.28
N LEU A 216 -13.88 7.35 10.46
CA LEU A 216 -14.69 6.12 10.54
C LEU A 216 -16.07 6.35 9.93
N ALA A 217 -16.58 7.56 10.00
CA ALA A 217 -17.91 7.85 9.46
C ALA A 217 -17.92 7.83 7.94
N GLU A 218 -16.86 8.32 7.28
CA GLU A 218 -16.80 8.35 5.83
C GLU A 218 -16.26 7.05 5.24
N TRP A 219 -15.49 6.30 6.02
CA TRP A 219 -14.82 5.10 5.50
C TRP A 219 -15.76 4.15 4.77
N PRO A 220 -16.94 3.79 5.28
CA PRO A 220 -17.82 2.89 4.49
C PRO A 220 -18.20 3.47 3.15
N THR A 221 -18.46 4.79 3.10
CA THR A 221 -18.83 5.40 1.84
C THR A 221 -17.66 5.35 0.87
N SER A 222 -16.44 5.56 1.36
CA SER A 222 -15.27 5.45 0.49
C SER A 222 -15.07 4.02 -0.02
N VAL A 223 -15.31 3.03 0.83
CA VAL A 223 -15.24 1.64 0.38
C VAL A 223 -16.31 1.34 -0.66
N GLU A 224 -17.51 1.86 -0.46
N GLU A 224 -17.52 1.86 -0.46
CA GLU A 224 -18.56 1.67 -1.46
CA GLU A 224 -18.57 1.69 -1.45
C GLU A 224 -18.12 2.25 -2.81
C GLU A 224 -18.14 2.27 -2.80
N ARG A 225 -17.41 3.39 -2.79
CA ARG A 225 -16.91 3.97 -4.05
C ARG A 225 -15.94 3.01 -4.72
N ILE A 226 -15.06 2.38 -3.93
CA ILE A 226 -14.13 1.41 -4.50
C ILE A 226 -14.90 0.25 -5.11
N GLN A 227 -15.87 -0.29 -4.37
CA GLN A 227 -16.65 -1.43 -4.86
C GLN A 227 -17.34 -1.10 -6.18
N LYS A 228 -17.87 0.12 -6.30
CA LYS A 228 -18.56 0.52 -7.52
C LYS A 228 -17.61 0.71 -8.66
N HIS A 229 -16.41 1.24 -8.39
N HIS A 229 -16.41 1.21 -8.39
CA HIS A 229 -15.48 1.56 -9.45
CA HIS A 229 -15.50 1.53 -9.49
C HIS A 229 -14.74 0.34 -9.98
C HIS A 229 -14.71 0.33 -9.98
N TYR A 230 -14.49 -0.68 -9.15
CA TYR A 230 -13.70 -1.86 -9.52
C TYR A 230 -14.44 -3.17 -9.31
N PRO A 231 -15.59 -3.33 -9.96
CA PRO A 231 -16.41 -4.55 -9.77
C PRO A 231 -15.79 -5.80 -10.33
N GLU A 232 -14.76 -5.69 -11.16
N GLU A 232 -14.76 -5.69 -11.15
CA GLU A 232 -14.14 -6.84 -11.78
CA GLU A 232 -14.14 -6.84 -11.78
C GLU A 232 -12.82 -7.22 -11.12
C GLU A 232 -12.83 -7.23 -11.13
N ALA A 233 -12.51 -6.61 -9.98
CA ALA A 233 -11.29 -6.97 -9.28
C ALA A 233 -11.29 -8.46 -8.95
N GLU A 234 -10.18 -9.11 -9.22
CA GLU A 234 -10.00 -10.52 -8.91
C GLU A 234 -9.19 -10.79 -7.67
N VAL A 235 -8.23 -9.98 -7.40
CA VAL A 235 -7.39 -10.04 -6.21
C VAL A 235 -7.49 -8.67 -5.56
N VAL A 236 -7.69 -8.65 -4.26
CA VAL A 236 -7.70 -7.44 -3.46
C VAL A 236 -6.60 -7.58 -2.40
N ILE A 237 -5.70 -6.60 -2.34
CA ILE A 237 -4.55 -6.62 -1.44
C ILE A 237 -4.74 -5.55 -0.39
N PRO A 238 -4.73 -5.92 0.88
CA PRO A 238 -4.86 -4.93 1.95
C PRO A 238 -3.50 -4.29 2.24
N GLY A 239 -3.52 -3.19 2.99
CA GLY A 239 -2.28 -2.56 3.38
C GLY A 239 -1.45 -3.39 4.32
N HIS A 240 -2.09 -4.25 5.10
CA HIS A 240 -1.45 -5.17 6.03
C HIS A 240 -2.21 -6.49 5.96
N GLY A 241 -1.52 -7.59 5.82
CA GLY A 241 -2.13 -8.90 5.89
C GLY A 241 -2.37 -9.55 4.53
N LEU A 242 -3.20 -10.58 4.56
N LEU A 242 -3.23 -10.57 4.55
CA LEU A 242 -3.33 -11.50 3.41
CA LEU A 242 -3.32 -11.47 3.41
C LEU A 242 -4.24 -10.96 2.31
C LEU A 242 -4.23 -10.91 2.31
N PRO A 243 -3.82 -11.06 1.05
CA PRO A 243 -4.73 -10.80 -0.08
C PRO A 243 -5.89 -11.78 -0.08
N GLY A 244 -6.97 -11.36 -0.74
CA GLY A 244 -8.10 -12.23 -1.02
C GLY A 244 -8.83 -11.69 -2.22
N GLY A 245 -10.15 -11.86 -2.22
CA GLY A 245 -10.99 -11.38 -3.28
C GLY A 245 -11.76 -10.13 -2.87
N LEU A 246 -12.83 -9.85 -3.62
CA LEU A 246 -13.66 -8.68 -3.36
C LEU A 246 -14.24 -8.66 -1.95
N ASP A 247 -14.40 -9.81 -1.28
CA ASP A 247 -14.96 -9.80 0.06
C ASP A 247 -14.19 -8.92 1.01
N LEU A 248 -12.89 -8.68 0.77
CA LEU A 248 -12.15 -7.82 1.67
C LEU A 248 -12.80 -6.44 1.78
N LEU A 249 -13.42 -5.96 0.71
CA LEU A 249 -14.03 -4.65 0.77
C LEU A 249 -15.24 -4.61 1.71
N GLN A 250 -16.15 -5.57 1.56
CA GLN A 250 -17.31 -5.60 2.44
C GLN A 250 -16.88 -5.87 3.88
N HIS A 251 -15.91 -6.76 4.08
CA HIS A 251 -15.43 -7.05 5.41
C HIS A 251 -14.88 -5.78 6.05
N THR A 252 -14.12 -5.00 5.28
CA THR A 252 -13.59 -3.72 5.80
C THR A 252 -14.69 -2.81 6.26
N ALA A 253 -15.69 -2.63 5.41
CA ALA A 253 -16.83 -1.79 5.80
C ALA A 253 -17.45 -2.28 7.10
N ASN A 254 -17.61 -3.60 7.23
CA ASN A 254 -18.21 -4.20 8.41
C ASN A 254 -17.38 -3.93 9.65
N VAL A 255 -16.05 -4.13 9.60
CA VAL A 255 -15.24 -3.95 10.78
C VAL A 255 -15.16 -2.47 11.16
N VAL A 256 -15.18 -1.57 10.18
CA VAL A 256 -15.10 -0.15 10.50
C VAL A 256 -16.41 0.31 11.12
N LYS A 257 -17.55 -0.14 10.59
CA LYS A 257 -18.85 0.27 11.14
C LYS A 257 -18.96 -0.21 12.57
N ALA A 258 -18.46 -1.41 12.84
CA ALA A 258 -18.56 -1.96 14.18
C ALA A 258 -17.59 -1.26 15.13
N HIS A 259 -16.44 -0.83 14.61
CA HIS A 259 -15.44 -0.11 15.40
C HIS A 259 -16.04 1.23 15.83
N LYS A 260 -16.56 2.01 14.85
CA LYS A 260 -17.22 3.28 15.14
C LYS A 260 -18.22 3.10 16.27
N ASN A 261 -18.88 1.94 16.31
CA ASN A 261 -19.74 1.61 17.43
C ASN A 261 -18.83 1.02 18.53
ZN ZN B . -1.66 4.47 7.64
ZN ZN C . -1.13 1.01 7.29
C25 XZR D . 1.43 0.61 13.80
C25 XZR D . 1.32 0.59 13.83
C24 XZR D . 0.34 -0.15 13.39
C24 XZR D . 0.31 -0.24 13.38
C26 XZR D . 1.74 1.79 13.15
C26 XZR D . 1.63 1.78 13.18
C23 XZR D . -0.44 0.29 12.32
C23 XZR D . -0.45 0.15 12.23
C22 XZR D . -2.72 -1.78 13.37
C22 XZR D . -2.59 -2.61 10.90
C21 XZR D . -3.39 -2.96 13.65
C21 XZR D . -3.25 -3.81 11.19
C28 XZR D . -0.54 4.77 11.87
C28 XZR D . -0.54 4.64 11.89
C18 XZR D . -6.74 -4.64 11.19
C18 XZR D . -6.73 -4.76 11.16
C16 XZR D . -4.43 -5.16 12.98
C16 XZR D . -4.32 -5.45 12.73
C15 XZR D . -3.68 -3.87 12.65
C15 XZR D . -3.58 -4.11 12.49
C11 XZR D . -2.32 -1.52 12.06
C11 XZR D . -2.23 -1.71 11.91
C12 XZR D . -2.60 -2.42 11.07
C12 XZR D . -2.54 -2.00 13.19
C13 XZR D . -3.26 -3.59 11.36
C13 XZR D . -3.21 -3.21 13.49
C10 XZR D . -1.57 -0.23 11.70
C10 XZR D . -1.54 -0.39 11.57
C01 XZR D . 2.44 3.26 10.31
C01 XZR D . 2.46 3.20 10.33
C02 XZR D . 1.44 3.55 11.44
C02 XZR D . 1.35 3.43 11.33
C03 XZR D . 0.99 2.24 12.07
C03 XZR D . 0.94 2.18 12.02
C04 XZR D . -0.12 1.48 11.65
C04 XZR D . -0.11 1.35 11.53
C06 XZR D . -1.91 0.67 10.68
C06 XZR D . -1.83 0.45 10.51
C07 XZR D . -3.07 0.58 9.70
C07 XZR D . -2.96 0.37 9.56
C29 XZR D . 0.02 5.88 12.75
C29 XZR D . 0.02 5.79 12.75
C30 XZR D . -0.64 6.18 13.93
C30 XZR D . -0.64 6.12 13.96
C31 XZR D . -0.16 7.20 14.76
C31 XZR D . -0.19 7.15 14.79
C32 XZR D . 1.00 7.88 14.41
C32 XZR D . 0.99 7.84 14.45
C33 XZR D . 1.53 8.99 15.33
C33 XZR D . 1.51 8.98 15.37
C35 XZR D . 1.65 7.56 13.23
C35 XZR D . 1.63 7.49 13.27
C36 XZR D . 1.16 6.56 12.40
C36 XZR D . 1.16 6.48 12.43
N05 XZR D . -1.02 1.66 10.69
N05 XZR D . -0.98 1.47 10.50
N34 XZR D . 0.74 10.19 15.12
N34 XZR D . 0.68 10.14 15.14
O08 XZR D . -4.19 0.22 10.15
O08 XZR D . -4.11 0.06 10.08
O09 XZR D . -2.90 0.92 8.49
O09 XZR D . -2.79 0.75 8.36
O19 XZR D . -6.73 -3.87 13.79
O19 XZR D . -6.51 -4.35 13.84
O20 XZR D . -6.98 -6.12 13.44
O20 XZR D . -6.85 -6.57 13.03
O27 XZR D . 0.40 4.34 10.93
O27 XZR D . 0.20 4.05 10.83
S17 XZR D . -6.26 -4.95 12.91
S17 XZR D . -6.17 -5.30 12.76
CL14 XZR D . -3.57 -4.69 10.00
CL14 XZR D . -3.55 -3.58 15.18
H251 XZR D . 2.03 0.28 14.63
H251 XZR D . 1.87 0.31 14.71
H241 XZR D . 0.10 -1.09 13.90
H241 XZR D . 0.09 -1.18 13.87
H261 XZR D . 2.59 2.38 13.48
H261 XZR D . 2.42 2.41 13.56
H221 XZR D . -2.51 -1.07 14.15
H221 XZR D . -2.36 -2.36 9.88
H211 XZR D . -3.70 -3.17 14.68
H211 XZR D . -3.51 -4.50 10.39
H281 XZR D . -0.81 3.92 12.51
H281 XZR D . -0.79 3.84 12.57
H282 XZR D . -1.41 5.12 11.35
H282 XZR D . -1.45 5.04 11.44
H181 XZR D . -7.82 -4.66 11.10
H181 XZR D . -6.61 -5.57 10.44
H183 XZR D . -6.30 -5.42 10.56
H183 XZR D . -7.76 -4.47 11.22
H182 XZR D . -6.36 -3.67 10.88
H182 XZR D . -6.12 -3.92 10.84
H161 XZR D . -4.15 -5.93 12.27
H161 XZR D . -4.04 -6.12 11.93
H162 XZR D . -4.17 -5.48 13.99
H162 XZR D . -3.98 -5.85 13.67
H121 XZR D . -2.30 -2.22 10.06
H121 XZR D . -2.26 -1.32 13.99
H012 XZR D . 3.40 2.99 10.75
H012 XZR D . 3.39 2.98 10.85
H013 XZR D . 2.56 4.14 9.69
H013 XZR D . 2.60 4.09 9.72
H011 XZR D . 2.08 2.43 9.71
H011 XZR D . 2.20 2.36 9.68
H021 XZR D . 1.90 4.13 12.23
H021 XZR D . 1.80 4.11 12.04
H301 XZR D . -1.53 5.64 14.21
H301 XZR D . -1.53 5.57 14.23
H311 XZR D . -0.68 7.44 15.67
H311 XZR D . -0.74 7.42 15.67
H331 XZR D . 2.57 9.19 15.09
H331 XZR D . 2.54 9.20 15.11
H332 XZR D . 1.45 8.67 16.36
H332 XZR D . 1.45 8.67 16.40
H351 XZR D . 2.56 8.09 12.95
H351 XZR D . 2.54 8.02 12.98
H361 XZR D . 1.68 6.33 11.47
H361 XZR D . 1.70 6.24 11.53
H051 XZR D . -1.04 2.44 10.06
H051 XZR D . -0.98 2.21 9.81
H341 XZR D . 0.10 10.04 14.35
H341 XZR D . 0.06 9.97 14.38
H342 XZR D . 1.34 10.96 14.91
H342 XZR D . 1.26 10.93 14.94
#